data_6HZ2
#
_entry.id   6HZ2
#
_entity_poly.entity_id   1
_entity_poly.type   'polypeptide(L)'
_entity_poly.pdbx_seq_one_letter_code
;GIGGKILSGLKTALKGAAKELASTYLH
;
_entity_poly.pdbx_strand_id   A
#
# COMPACT_ATOMS: atom_id res chain seq x y z
N GLY A 1 1.04 -15.90 -11.01
CA GLY A 1 1.00 -15.92 -9.57
C GLY A 1 1.90 -14.86 -9.02
N ILE A 2 2.87 -14.40 -9.84
CA ILE A 2 3.92 -13.45 -9.49
C ILE A 2 3.40 -12.12 -8.97
N GLY A 3 2.26 -11.64 -9.51
CA GLY A 3 1.58 -10.42 -9.07
C GLY A 3 1.16 -10.43 -7.61
N GLY A 4 0.83 -11.62 -7.07
CA GLY A 4 0.47 -11.78 -5.66
C GLY A 4 1.65 -11.82 -4.74
N LYS A 5 2.88 -11.80 -5.29
CA LYS A 5 4.09 -11.59 -4.53
C LYS A 5 4.52 -10.13 -4.65
N ILE A 6 4.72 -9.63 -5.89
CA ILE A 6 5.25 -8.29 -6.12
C ILE A 6 4.31 -7.15 -5.77
N LEU A 7 3.00 -7.24 -6.07
CA LEU A 7 2.07 -6.15 -5.79
C LEU A 7 1.66 -6.12 -4.32
N SER A 8 1.81 -7.26 -3.63
CA SER A 8 1.58 -7.40 -2.20
C SER A 8 2.65 -6.72 -1.38
N GLY A 9 3.80 -6.40 -2.01
CA GLY A 9 4.73 -5.40 -1.51
C GLY A 9 4.40 -4.03 -2.04
N LEU A 10 4.52 -3.83 -3.37
CA LEU A 10 4.47 -2.53 -4.02
C LEU A 10 3.18 -1.73 -3.85
N LYS A 11 2.00 -2.34 -4.08
CA LYS A 11 0.72 -1.65 -3.90
C LYS A 11 0.39 -1.44 -2.44
N THR A 12 0.71 -2.43 -1.59
CA THR A 12 0.55 -2.37 -0.14
C THR A 12 1.36 -1.26 0.48
N ALA A 13 2.62 -1.05 0.05
CA ALA A 13 3.40 0.10 0.46
C ALA A 13 2.82 1.42 -0.06
N LEU A 14 2.46 1.49 -1.35
CA LEU A 14 1.95 2.67 -2.02
C LEU A 14 0.63 3.22 -1.49
N LYS A 15 -0.34 2.34 -1.18
CA LYS A 15 -1.67 2.81 -0.83
C LYS A 15 -2.39 1.88 0.13
N GLY A 16 -1.65 1.03 0.85
CA GLY A 16 -2.12 0.40 2.08
C GLY A 16 -1.47 1.10 3.24
N ALA A 17 -0.19 0.81 3.49
CA ALA A 17 0.61 1.41 4.55
C ALA A 17 0.72 2.92 4.42
N ALA A 18 0.91 3.43 3.18
CA ALA A 18 0.90 4.86 2.92
C ALA A 18 -0.51 5.39 2.59
N LYS A 19 -1.59 4.63 2.89
CA LYS A 19 -2.87 5.25 3.20
C LYS A 19 -2.91 5.48 4.70
N GLU A 20 -2.66 4.43 5.52
CA GLU A 20 -2.78 4.51 6.97
C GLU A 20 -1.83 5.50 7.64
N LEU A 21 -0.56 5.54 7.23
CA LEU A 21 0.43 6.52 7.67
C LEU A 21 0.04 7.96 7.34
N ALA A 22 -0.62 8.17 6.19
CA ALA A 22 -1.01 9.47 5.71
C ALA A 22 -2.46 9.81 6.05
N SER A 23 -3.15 8.93 6.81
CA SER A 23 -4.61 8.92 6.90
C SER A 23 -5.21 10.15 7.53
N THR A 24 -4.62 10.66 8.62
CA THR A 24 -5.06 11.90 9.26
C THR A 24 -4.94 13.10 8.34
N TYR A 25 -3.79 13.19 7.65
CA TYR A 25 -3.44 14.29 6.76
C TYR A 25 -4.26 14.34 5.48
N LEU A 26 -4.52 13.18 4.84
CA LEU A 26 -5.19 13.14 3.54
C LEU A 26 -6.67 12.80 3.69
N HIS A 27 -7.12 12.38 4.88
CA HIS A 27 -8.52 12.08 5.15
C HIS A 27 -8.84 12.52 6.56
N GLY A 1 0.99 -15.49 -11.52
CA GLY A 1 0.90 -15.66 -10.09
C GLY A 1 1.85 -14.75 -9.38
N ILE A 2 2.90 -14.31 -10.10
CA ILE A 2 3.99 -13.48 -9.60
C ILE A 2 3.55 -12.14 -9.05
N GLY A 3 2.41 -11.61 -9.56
CA GLY A 3 1.76 -10.39 -9.06
C GLY A 3 1.38 -10.45 -7.61
N GLY A 4 1.05 -11.65 -7.08
CA GLY A 4 0.72 -11.85 -5.67
C GLY A 4 1.92 -11.89 -4.77
N LYS A 5 3.13 -11.84 -5.34
CA LYS A 5 4.34 -11.59 -4.58
C LYS A 5 4.75 -10.13 -4.70
N ILE A 6 4.94 -9.62 -5.94
CA ILE A 6 5.43 -8.26 -6.16
C ILE A 6 4.46 -7.14 -5.77
N LEU A 7 3.15 -7.25 -6.07
CA LEU A 7 2.21 -6.20 -5.77
C LEU A 7 1.83 -6.19 -4.30
N SER A 8 2.05 -7.32 -3.60
CA SER A 8 1.83 -7.49 -2.18
C SER A 8 2.86 -6.76 -1.35
N GLY A 9 3.98 -6.32 -1.97
CA GLY A 9 4.82 -5.28 -1.38
C GLY A 9 4.57 -3.93 -1.99
N LEU A 10 4.53 -3.83 -3.35
CA LEU A 10 4.47 -2.56 -4.05
C LEU A 10 3.16 -1.77 -3.86
N LYS A 11 1.99 -2.41 -4.02
CA LYS A 11 0.71 -1.74 -3.81
C LYS A 11 0.43 -1.53 -2.33
N THR A 12 0.83 -2.51 -1.49
CA THR A 12 0.73 -2.44 -0.03
C THR A 12 1.51 -1.29 0.55
N ALA A 13 2.74 -1.03 0.09
CA ALA A 13 3.46 0.18 0.46
C ALA A 13 2.79 1.46 -0.04
N LEU A 14 2.39 1.49 -1.33
CA LEU A 14 1.81 2.64 -2.00
C LEU A 14 0.46 3.11 -1.45
N LYS A 15 -0.45 2.18 -1.10
CA LYS A 15 -1.79 2.59 -0.71
C LYS A 15 -2.42 1.64 0.29
N GLY A 16 -1.60 0.84 1.00
CA GLY A 16 -1.99 0.19 2.25
C GLY A 16 -1.34 0.96 3.37
N ALA A 17 -0.03 0.75 3.59
CA ALA A 17 0.75 1.42 4.60
C ALA A 17 0.75 2.95 4.43
N ALA A 18 0.86 3.44 3.19
CA ALA A 18 0.72 4.85 2.90
C ALA A 18 -0.71 5.26 2.59
N LYS A 19 -1.73 4.44 2.96
CA LYS A 19 -3.05 4.97 3.26
C LYS A 19 -3.20 5.15 4.75
N GLU A 20 -2.69 4.22 5.58
CA GLU A 20 -2.76 4.33 7.03
C GLU A 20 -1.92 5.44 7.62
N LEU A 21 -0.66 5.58 7.15
CA LEU A 21 0.23 6.68 7.52
C LEU A 21 -0.31 8.04 7.12
N ALA A 22 -1.05 8.10 6.00
CA ALA A 22 -1.61 9.32 5.47
C ALA A 22 -3.06 9.54 5.91
N SER A 23 -3.63 8.64 6.75
CA SER A 23 -5.07 8.55 7.00
C SER A 23 -5.69 9.78 7.61
N THR A 24 -4.98 10.44 8.53
CA THR A 24 -5.50 11.58 9.29
C THR A 24 -5.13 12.89 8.60
N TYR A 25 -4.48 12.81 7.43
CA TYR A 25 -3.88 13.97 6.78
C TYR A 25 -4.41 14.14 5.37
N LEU A 26 -4.61 13.02 4.64
CA LEU A 26 -5.16 13.01 3.30
C LEU A 26 -6.57 12.44 3.32
N HIS A 27 -7.06 12.02 4.51
CA HIS A 27 -8.43 11.61 4.77
C HIS A 27 -8.98 10.54 3.84
N GLY A 1 0.98 -15.37 -11.74
CA GLY A 1 0.86 -15.58 -10.30
C GLY A 1 1.81 -14.68 -9.57
N ILE A 2 2.88 -14.24 -10.26
CA ILE A 2 3.98 -13.45 -9.73
C ILE A 2 3.55 -12.11 -9.15
N GLY A 3 2.42 -11.55 -9.67
CA GLY A 3 1.79 -10.34 -9.16
C GLY A 3 1.37 -10.42 -7.71
N GLY A 4 1.02 -11.63 -7.22
CA GLY A 4 0.65 -11.86 -5.82
C GLY A 4 1.83 -11.93 -4.90
N LYS A 5 3.06 -11.88 -5.44
CA LYS A 5 4.26 -11.68 -4.65
C LYS A 5 4.69 -10.22 -4.74
N ILE A 6 4.91 -9.68 -5.95
CA ILE A 6 5.43 -8.32 -6.13
C ILE A 6 4.47 -7.21 -5.74
N LEU A 7 3.15 -7.29 -6.06
CA LEU A 7 2.23 -6.23 -5.75
C LEU A 7 1.81 -6.24 -4.30
N SER A 8 2.01 -7.39 -3.63
CA SER A 8 1.75 -7.58 -2.21
C SER A 8 2.76 -6.88 -1.33
N GLY A 9 3.90 -6.44 -1.91
CA GLY A 9 4.75 -5.44 -1.28
C GLY A 9 4.54 -4.07 -1.89
N LEU A 10 4.52 -3.95 -3.23
CA LEU A 10 4.49 -2.66 -3.91
C LEU A 10 3.20 -1.86 -3.74
N LYS A 11 2.01 -2.47 -3.93
CA LYS A 11 0.75 -1.79 -3.72
C LYS A 11 0.47 -1.57 -2.25
N THR A 12 0.82 -2.56 -1.40
CA THR A 12 0.70 -2.51 0.05
C THR A 12 1.49 -1.37 0.65
N ALA A 13 2.74 -1.13 0.22
CA ALA A 13 3.47 0.06 0.60
C ALA A 13 2.84 1.35 0.07
N LEU A 14 2.51 1.39 -1.23
CA LEU A 14 1.99 2.56 -1.93
C LEU A 14 0.65 3.08 -1.44
N LYS A 15 -0.31 2.18 -1.13
CA LYS A 15 -1.65 2.61 -0.81
C LYS A 15 -2.34 1.67 0.18
N GLY A 16 -1.55 0.88 0.92
CA GLY A 16 -2.00 0.26 2.16
C GLY A 16 -1.40 1.04 3.30
N ALA A 17 -0.11 0.82 3.60
CA ALA A 17 0.63 1.51 4.63
C ALA A 17 0.67 3.02 4.43
N ALA A 18 0.90 3.47 3.18
CA ALA A 18 0.83 4.87 2.84
C ALA A 18 -0.57 5.31 2.42
N LYS A 19 -1.63 4.51 2.71
CA LYS A 19 -2.94 5.09 2.94
C LYS A 19 -3.07 5.40 4.42
N GLU A 20 -2.84 4.42 5.32
CA GLU A 20 -3.09 4.58 6.75
C GLU A 20 -2.27 5.68 7.40
N LEU A 21 -0.97 5.79 7.06
CA LEU A 21 -0.10 6.83 7.57
C LEU A 21 -0.43 8.21 6.98
N ALA A 22 -1.17 8.24 5.86
CA ALA A 22 -1.60 9.47 5.23
C ALA A 22 -3.04 9.81 5.57
N SER A 23 -3.82 8.90 6.22
CA SER A 23 -5.25 9.09 6.46
C SER A 23 -5.53 10.08 7.56
N THR A 24 -4.53 10.44 8.38
CA THR A 24 -4.59 11.59 9.29
C THR A 24 -4.77 12.91 8.56
N TYR A 25 -4.14 13.04 7.38
CA TYR A 25 -4.00 14.31 6.68
C TYR A 25 -4.79 14.35 5.38
N LEU A 26 -4.91 13.21 4.69
CA LEU A 26 -5.59 13.09 3.41
C LEU A 26 -6.90 12.33 3.57
N HIS A 27 -7.25 11.93 4.81
CA HIS A 27 -8.53 11.34 5.15
C HIS A 27 -8.91 10.09 4.37
N GLY A 1 1.11 -15.67 -11.43
CA GLY A 1 0.99 -15.82 -9.99
C GLY A 1 1.91 -14.85 -9.29
N ILE A 2 2.98 -14.44 -9.99
CA ILE A 2 4.05 -13.58 -9.50
C ILE A 2 3.58 -12.22 -9.00
N GLY A 3 2.47 -11.71 -9.58
CA GLY A 3 1.82 -10.48 -9.14
C GLY A 3 1.36 -10.49 -7.70
N GLY A 4 0.98 -11.67 -7.16
CA GLY A 4 0.59 -11.84 -5.77
C GLY A 4 1.75 -11.92 -4.82
N LYS A 5 2.98 -11.95 -5.37
CA LYS A 5 4.19 -11.81 -4.59
C LYS A 5 4.65 -10.35 -4.62
N ILE A 6 4.84 -9.77 -5.82
CA ILE A 6 5.36 -8.41 -5.97
C ILE A 6 4.41 -7.29 -5.60
N LEU A 7 3.10 -7.37 -5.97
CA LEU A 7 2.18 -6.27 -5.71
C LEU A 7 1.74 -6.24 -4.26
N SER A 8 1.88 -7.38 -3.57
CA SER A 8 1.61 -7.54 -2.15
C SER A 8 2.64 -6.84 -1.28
N GLY A 9 3.79 -6.43 -1.86
CA GLY A 9 4.64 -5.42 -1.24
C GLY A 9 4.45 -4.06 -1.87
N LEU A 10 4.46 -3.97 -3.22
CA LEU A 10 4.46 -2.69 -3.92
C LEU A 10 3.18 -1.86 -3.77
N LYS A 11 1.98 -2.45 -3.97
CA LYS A 11 0.73 -1.74 -3.79
C LYS A 11 0.43 -1.51 -2.32
N THR A 12 0.76 -2.50 -1.47
CA THR A 12 0.63 -2.44 -0.02
C THR A 12 1.44 -1.31 0.59
N ALA A 13 2.69 -1.10 0.16
CA ALA A 13 3.45 0.08 0.57
C ALA A 13 2.84 1.39 0.04
N LEU A 14 2.50 1.44 -1.26
CA LEU A 14 2.00 2.62 -1.95
C LEU A 14 0.66 3.15 -1.45
N LYS A 15 -0.31 2.27 -1.14
CA LYS A 15 -1.64 2.72 -0.81
C LYS A 15 -2.36 1.78 0.14
N GLY A 16 -1.60 0.96 0.89
CA GLY A 16 -2.09 0.32 2.11
C GLY A 16 -1.46 1.06 3.27
N ALA A 17 -0.17 0.78 3.55
CA ALA A 17 0.59 1.41 4.60
C ALA A 17 0.68 2.93 4.46
N ALA A 18 0.88 3.43 3.23
CA ALA A 18 0.85 4.85 2.94
C ALA A 18 -0.55 5.34 2.57
N LYS A 19 -1.62 4.58 2.88
CA LYS A 19 -2.93 5.16 3.15
C LYS A 19 -3.02 5.42 4.64
N GLU A 20 -2.75 4.40 5.48
CA GLU A 20 -2.89 4.50 6.94
C GLU A 20 -1.98 5.53 7.60
N LEU A 21 -0.69 5.56 7.21
CA LEU A 21 0.28 6.54 7.69
C LEU A 21 -0.08 7.97 7.33
N ALA A 22 -0.70 8.17 6.16
CA ALA A 22 -1.03 9.47 5.64
C ALA A 22 -2.50 9.84 5.90
N SER A 23 -3.25 8.96 6.60
CA SER A 23 -4.72 8.96 6.60
C SER A 23 -5.36 10.21 7.15
N THR A 24 -4.76 10.81 8.18
CA THR A 24 -5.15 12.09 8.76
C THR A 24 -5.05 13.25 7.78
N TYR A 25 -3.99 13.27 6.97
CA TYR A 25 -3.61 14.44 6.18
C TYR A 25 -4.11 14.33 4.75
N LEU A 26 -4.56 13.13 4.35
CA LEU A 26 -5.13 12.82 3.06
C LEU A 26 -6.58 12.42 3.28
N HIS A 27 -7.22 12.99 4.33
CA HIS A 27 -8.60 12.73 4.69
C HIS A 27 -9.58 13.53 3.86
N GLY A 1 0.66 -15.15 -11.62
CA GLY A 1 0.52 -15.43 -10.19
C GLY A 1 1.50 -14.61 -9.41
N ILE A 2 2.59 -14.19 -10.06
CA ILE A 2 3.71 -13.48 -9.45
C ILE A 2 3.34 -12.11 -8.91
N GLY A 3 2.23 -11.52 -9.42
CA GLY A 3 1.64 -10.29 -8.92
C GLY A 3 1.24 -10.36 -7.46
N GLY A 4 0.85 -11.56 -6.97
CA GLY A 4 0.50 -11.77 -5.56
C GLY A 4 1.69 -11.86 -4.65
N LYS A 5 2.92 -11.83 -5.22
CA LYS A 5 4.13 -11.66 -4.45
C LYS A 5 4.61 -10.21 -4.56
N ILE A 6 4.84 -9.71 -5.79
CA ILE A 6 5.39 -8.37 -6.01
C ILE A 6 4.48 -7.20 -5.61
N LEU A 7 3.16 -7.26 -5.90
CA LEU A 7 2.26 -6.17 -5.59
C LEU A 7 1.87 -6.16 -4.13
N SER A 8 2.00 -7.32 -3.46
CA SER A 8 1.77 -7.50 -2.02
C SER A 8 2.85 -6.86 -1.18
N GLY A 9 3.98 -6.51 -1.82
CA GLY A 9 4.94 -5.54 -1.30
C GLY A 9 4.64 -4.16 -1.82
N LEU A 10 4.86 -3.95 -3.14
CA LEU A 10 4.86 -2.65 -3.78
C LEU A 10 3.56 -1.84 -3.70
N LYS A 11 2.39 -2.46 -3.94
CA LYS A 11 1.12 -1.75 -3.86
C LYS A 11 0.53 -1.78 -2.47
N THR A 12 0.97 -2.70 -1.60
CA THR A 12 0.69 -2.62 -0.16
C THR A 12 1.36 -1.40 0.44
N ALA A 13 2.64 -1.14 0.10
CA ALA A 13 3.32 0.07 0.50
C ALA A 13 2.73 1.34 -0.12
N LEU A 14 2.50 1.34 -1.45
CA LEU A 14 2.08 2.52 -2.18
C LEU A 14 0.60 2.87 -2.01
N LYS A 15 -0.22 1.91 -1.54
CA LYS A 15 -1.63 2.14 -1.27
C LYS A 15 -1.98 1.95 0.19
N GLY A 16 -1.97 0.71 0.71
CA GLY A 16 -2.32 0.42 2.11
C GLY A 16 -1.56 1.18 3.16
N ALA A 17 -0.22 1.03 3.21
CA ALA A 17 0.63 1.71 4.18
C ALA A 17 0.59 3.23 4.04
N ALA A 18 0.59 3.71 2.79
CA ALA A 18 0.30 5.09 2.42
C ALA A 18 -1.01 5.62 2.99
N LYS A 19 -2.13 4.88 2.90
CA LYS A 19 -3.38 5.28 3.53
C LYS A 19 -3.27 5.35 5.04
N GLU A 20 -2.69 4.34 5.71
CA GLU A 20 -2.59 4.30 7.16
C GLU A 20 -1.71 5.40 7.75
N LEU A 21 -0.61 5.76 7.05
CA LEU A 21 0.28 6.81 7.50
C LEU A 21 -0.17 8.20 7.07
N ALA A 22 -1.24 8.34 6.26
CA ALA A 22 -1.64 9.65 5.78
C ALA A 22 -3.14 9.91 5.80
N SER A 23 -3.98 9.04 6.41
CA SER A 23 -5.38 9.38 6.67
C SER A 23 -5.52 10.44 7.74
N THR A 24 -4.53 10.54 8.64
CA THR A 24 -4.37 11.59 9.63
C THR A 24 -4.28 12.98 9.03
N TYR A 25 -3.69 13.08 7.82
CA TYR A 25 -3.33 14.35 7.23
C TYR A 25 -4.17 14.65 5.99
N LEU A 26 -4.46 13.65 5.14
CA LEU A 26 -5.19 13.86 3.89
C LEU A 26 -6.65 13.43 4.01
N HIS A 27 -7.08 12.89 5.16
CA HIS A 27 -8.47 12.52 5.38
C HIS A 27 -8.95 12.99 6.73
N GLY A 1 1.19 -16.20 -10.83
CA GLY A 1 1.16 -16.19 -9.38
C GLY A 1 2.09 -15.15 -8.86
N ILE A 2 3.00 -14.65 -9.71
CA ILE A 2 4.05 -13.69 -9.37
C ILE A 2 3.51 -12.38 -8.83
N GLY A 3 2.36 -11.89 -9.39
CA GLY A 3 1.65 -10.70 -8.94
C GLY A 3 1.23 -10.74 -7.50
N GLY A 4 0.96 -11.95 -6.96
CA GLY A 4 0.53 -12.18 -5.59
C GLY A 4 1.62 -12.09 -4.57
N LYS A 5 2.88 -11.83 -5.00
CA LYS A 5 3.93 -11.49 -4.07
C LYS A 5 4.64 -10.21 -4.45
N ILE A 6 4.75 -9.83 -5.75
CA ILE A 6 5.32 -8.53 -6.10
C ILE A 6 4.40 -7.35 -5.77
N LEU A 7 3.07 -7.43 -6.07
CA LEU A 7 2.16 -6.34 -5.80
C LEU A 7 1.80 -6.25 -4.33
N SER A 8 1.94 -7.38 -3.62
CA SER A 8 1.68 -7.52 -2.19
C SER A 8 2.70 -6.83 -1.33
N GLY A 9 3.86 -6.44 -1.90
CA GLY A 9 4.72 -5.43 -1.29
C GLY A 9 4.56 -4.09 -1.96
N LEU A 10 4.62 -4.03 -3.31
CA LEU A 10 4.69 -2.79 -4.06
C LEU A 10 3.43 -1.91 -3.98
N LYS A 11 2.22 -2.50 -4.12
CA LYS A 11 0.99 -1.72 -4.07
C LYS A 11 0.44 -1.66 -2.66
N THR A 12 0.85 -2.60 -1.78
CA THR A 12 0.60 -2.49 -0.34
C THR A 12 1.31 -1.31 0.26
N ALA A 13 2.60 -1.09 -0.10
CA ALA A 13 3.32 0.10 0.31
C ALA A 13 2.76 1.38 -0.31
N LEU A 14 2.49 1.38 -1.63
CA LEU A 14 2.07 2.56 -2.36
C LEU A 14 0.64 3.02 -2.07
N LYS A 15 -0.25 2.10 -1.65
CA LYS A 15 -1.61 2.45 -1.30
C LYS A 15 -1.92 2.15 0.15
N GLY A 16 -2.02 0.86 0.57
CA GLY A 16 -2.40 0.49 1.93
C GLY A 16 -1.63 1.15 3.05
N ALA A 17 -0.30 0.98 3.09
CA ALA A 17 0.57 1.58 4.09
C ALA A 17 0.56 3.10 4.04
N ALA A 18 0.56 3.67 2.81
CA ALA A 18 0.43 5.08 2.58
C ALA A 18 -0.89 5.68 3.09
N LYS A 19 -2.02 4.96 2.95
CA LYS A 19 -3.30 5.37 3.51
C LYS A 19 -3.27 5.41 5.02
N GLU A 20 -2.68 4.40 5.69
CA GLU A 20 -2.59 4.38 7.14
C GLU A 20 -1.63 5.44 7.68
N LEU A 21 -0.46 5.59 7.06
CA LEU A 21 0.53 6.61 7.41
C LEU A 21 0.02 8.03 7.22
N ALA A 22 -0.68 8.31 6.12
CA ALA A 22 -1.16 9.64 5.80
C ALA A 22 -2.62 9.84 6.21
N SER A 23 -3.19 8.94 7.03
CA SER A 23 -4.63 8.87 7.29
C SER A 23 -5.25 10.12 7.89
N THR A 24 -4.53 10.76 8.83
CA THR A 24 -4.97 11.98 9.50
C THR A 24 -4.87 13.21 8.61
N TYR A 25 -4.08 13.12 7.52
CA TYR A 25 -3.62 14.28 6.78
C TYR A 25 -4.21 14.34 5.39
N LEU A 26 -4.34 13.19 4.70
CA LEU A 26 -4.76 13.12 3.31
C LEU A 26 -6.15 12.52 3.19
N HIS A 27 -6.92 12.45 4.29
CA HIS A 27 -8.29 11.99 4.25
C HIS A 27 -9.25 13.14 4.00
N GLY A 1 1.17 -16.38 -10.73
CA GLY A 1 1.18 -16.31 -9.28
C GLY A 1 2.08 -15.22 -8.81
N ILE A 2 3.02 -14.80 -9.69
CA ILE A 2 4.06 -13.82 -9.40
C ILE A 2 3.53 -12.48 -8.93
N GLY A 3 2.41 -12.01 -9.53
CA GLY A 3 1.64 -10.83 -9.12
C GLY A 3 1.38 -10.73 -7.64
N GLY A 4 0.97 -11.85 -7.01
CA GLY A 4 0.61 -11.89 -5.60
C GLY A 4 1.77 -11.90 -4.65
N LYS A 5 3.02 -11.96 -5.15
CA LYS A 5 4.19 -11.76 -4.31
C LYS A 5 5.05 -10.58 -4.72
N ILE A 6 4.76 -9.90 -5.85
CA ILE A 6 5.28 -8.56 -6.12
C ILE A 6 4.38 -7.45 -5.60
N LEU A 7 3.06 -7.45 -5.95
CA LEU A 7 2.14 -6.36 -5.69
C LEU A 7 1.86 -6.16 -4.22
N SER A 8 1.88 -7.26 -3.46
CA SER A 8 1.65 -7.32 -2.03
C SER A 8 2.68 -6.58 -1.19
N GLY A 9 3.84 -6.23 -1.78
CA GLY A 9 4.67 -5.15 -1.24
C GLY A 9 4.57 -3.90 -2.08
N LEU A 10 4.74 -4.04 -3.42
CA LEU A 10 4.94 -2.97 -4.38
C LEU A 10 3.77 -1.98 -4.51
N LYS A 11 2.52 -2.42 -4.35
CA LYS A 11 1.37 -1.52 -4.33
C LYS A 11 0.66 -1.48 -2.99
N THR A 12 0.92 -2.44 -2.07
CA THR A 12 0.49 -2.32 -0.67
C THR A 12 1.13 -1.13 0.00
N ALA A 13 2.44 -0.91 -0.24
CA ALA A 13 3.19 0.20 0.31
C ALA A 13 2.76 1.57 -0.22
N LEU A 14 2.05 1.62 -1.37
CA LEU A 14 1.71 2.88 -2.02
C LEU A 14 0.20 3.13 -1.98
N LYS A 15 -0.61 2.15 -1.53
CA LYS A 15 -2.03 2.35 -1.31
C LYS A 15 -2.38 2.13 0.14
N GLY A 16 -2.35 0.86 0.62
CA GLY A 16 -2.70 0.50 1.99
C GLY A 16 -1.89 1.20 3.04
N ALA A 17 -0.56 0.98 3.05
CA ALA A 17 0.35 1.56 4.01
C ALA A 17 0.40 3.08 3.92
N ALA A 18 0.31 3.64 2.70
CA ALA A 18 0.26 5.06 2.49
C ALA A 18 -0.94 5.75 3.12
N LYS A 19 -2.16 5.20 3.01
CA LYS A 19 -3.33 5.78 3.66
C LYS A 19 -3.45 5.35 5.13
N GLU A 20 -2.78 4.28 5.54
CA GLU A 20 -2.64 3.88 6.94
C GLU A 20 -1.73 4.83 7.71
N LEU A 21 -0.52 5.12 7.18
CA LEU A 21 0.44 6.05 7.76
C LEU A 21 -0.03 7.50 7.69
N ALA A 22 -0.55 7.94 6.53
CA ALA A 22 -0.92 9.33 6.33
C ALA A 22 -2.41 9.53 6.56
N SER A 23 -3.02 8.69 7.43
CA SER A 23 -4.47 8.54 7.55
C SER A 23 -5.23 9.79 7.88
N THR A 24 -4.75 10.57 8.87
CA THR A 24 -5.31 11.86 9.27
C THR A 24 -5.21 12.90 8.19
N TYR A 25 -4.04 12.99 7.52
CA TYR A 25 -3.74 13.99 6.52
C TYR A 25 -4.53 13.80 5.23
N LEU A 26 -4.69 12.54 4.78
CA LEU A 26 -5.34 12.21 3.53
C LEU A 26 -6.80 11.81 3.74
N HIS A 27 -7.34 11.99 4.96
CA HIS A 27 -8.74 11.82 5.31
C HIS A 27 -9.43 10.57 4.79
N GLY A 1 1.28 -16.22 -10.78
CA GLY A 1 1.39 -16.20 -9.33
C GLY A 1 2.27 -15.08 -8.89
N ILE A 2 3.13 -14.59 -9.81
CA ILE A 2 4.15 -13.58 -9.57
C ILE A 2 3.60 -12.27 -9.05
N GLY A 3 2.40 -11.85 -9.53
CA GLY A 3 1.69 -10.67 -9.07
C GLY A 3 1.35 -10.67 -7.60
N GLY A 4 1.10 -11.87 -7.02
CA GLY A 4 0.82 -12.04 -5.61
C GLY A 4 2.06 -12.03 -4.74
N LYS A 5 3.24 -11.96 -5.36
CA LYS A 5 4.48 -11.69 -4.67
C LYS A 5 4.83 -10.22 -4.79
N ILE A 6 4.94 -9.68 -6.02
CA ILE A 6 5.38 -8.32 -6.26
C ILE A 6 4.38 -7.23 -5.85
N LEU A 7 3.07 -7.38 -6.12
CA LEU A 7 2.10 -6.34 -5.80
C LEU A 7 1.78 -6.32 -4.32
N SER A 8 2.03 -7.44 -3.63
CA SER A 8 1.85 -7.61 -2.20
C SER A 8 2.88 -6.85 -1.39
N GLY A 9 3.97 -6.38 -2.03
CA GLY A 9 4.81 -5.33 -1.47
C GLY A 9 4.52 -3.99 -2.08
N LEU A 10 4.46 -3.90 -3.43
CA LEU A 10 4.36 -2.63 -4.14
C LEU A 10 3.05 -1.87 -3.92
N LYS A 11 1.88 -2.53 -4.06
CA LYS A 11 0.59 -1.88 -3.82
C LYS A 11 0.34 -1.68 -2.36
N THR A 12 0.76 -2.64 -1.52
CA THR A 12 0.68 -2.57 -0.06
C THR A 12 1.44 -1.41 0.51
N ALA A 13 2.67 -1.13 0.04
CA ALA A 13 3.36 0.09 0.39
C ALA A 13 2.68 1.35 -0.11
N LEU A 14 2.29 1.38 -1.40
CA LEU A 14 1.68 2.53 -2.07
C LEU A 14 0.34 2.98 -1.51
N LYS A 15 -0.57 2.06 -1.17
CA LYS A 15 -1.90 2.44 -0.76
C LYS A 15 -2.50 1.52 0.29
N GLY A 16 -1.67 0.72 0.98
CA GLY A 16 -2.02 0.12 2.26
C GLY A 16 -1.36 0.94 3.33
N ALA A 17 -0.05 0.72 3.54
CA ALA A 17 0.76 1.42 4.54
C ALA A 17 0.79 2.93 4.35
N ALA A 18 0.90 3.42 3.09
CA ALA A 18 0.81 4.84 2.81
C ALA A 18 -0.61 5.29 2.51
N LYS A 19 -1.64 4.47 2.79
CA LYS A 19 -2.96 4.99 3.13
C LYS A 19 -2.99 5.21 4.63
N GLU A 20 -2.62 4.21 5.47
CA GLU A 20 -2.69 4.32 6.93
C GLU A 20 -1.86 5.46 7.51
N LEU A 21 -0.60 5.62 7.05
CA LEU A 21 0.28 6.71 7.44
C LEU A 21 -0.26 8.10 7.08
N ALA A 22 -1.01 8.19 5.97
CA ALA A 22 -1.55 9.44 5.48
C ALA A 22 -3.02 9.62 5.88
N SER A 23 -3.60 8.68 6.66
CA SER A 23 -5.04 8.53 6.81
C SER A 23 -5.72 9.69 7.50
N THR A 24 -5.03 10.34 8.46
CA THR A 24 -5.58 11.42 9.26
C THR A 24 -5.24 12.78 8.65
N TYR A 25 -4.54 12.76 7.50
CA TYR A 25 -3.97 13.97 6.91
C TYR A 25 -4.46 14.19 5.51
N LEU A 26 -4.62 13.11 4.72
CA LEU A 26 -5.14 13.15 3.36
C LEU A 26 -6.52 12.54 3.33
N HIS A 27 -7.04 12.09 4.49
CA HIS A 27 -8.40 11.63 4.72
C HIS A 27 -8.93 10.60 3.73
N GLY A 1 1.14 -16.15 -10.81
CA GLY A 1 1.25 -16.12 -9.36
C GLY A 1 2.14 -15.00 -8.94
N ILE A 2 2.98 -14.51 -9.88
CA ILE A 2 4.01 -13.50 -9.64
C ILE A 2 3.48 -12.18 -9.11
N GLY A 3 2.28 -11.75 -9.56
CA GLY A 3 1.60 -10.57 -9.06
C GLY A 3 1.30 -10.59 -7.58
N GLY A 4 1.05 -11.78 -7.01
CA GLY A 4 0.80 -11.97 -5.59
C GLY A 4 2.06 -11.98 -4.76
N LYS A 5 3.23 -11.93 -5.41
CA LYS A 5 4.49 -11.69 -4.74
C LYS A 5 4.86 -10.22 -4.86
N ILE A 6 4.92 -9.67 -6.10
CA ILE A 6 5.37 -8.30 -6.33
C ILE A 6 4.42 -7.21 -5.87
N LEU A 7 3.08 -7.32 -6.10
CA LEU A 7 2.14 -6.26 -5.76
C LEU A 7 1.86 -6.22 -4.28
N SER A 8 2.13 -7.36 -3.60
CA SER A 8 2.02 -7.54 -2.16
C SER A 8 3.08 -6.79 -1.38
N GLY A 9 4.14 -6.29 -2.06
CA GLY A 9 4.95 -5.21 -1.52
C GLY A 9 4.64 -3.89 -2.18
N LEU A 10 4.61 -3.86 -3.54
CA LEU A 10 4.53 -2.65 -4.34
C LEU A 10 3.26 -1.82 -4.17
N LYS A 11 2.08 -2.45 -4.08
CA LYS A 11 0.83 -1.73 -3.89
C LYS A 11 0.37 -1.78 -2.46
N THR A 12 0.86 -2.73 -1.64
CA THR A 12 0.73 -2.73 -0.19
C THR A 12 1.41 -1.54 0.45
N ALA A 13 2.58 -1.13 -0.06
CA ALA A 13 3.21 0.12 0.37
C ALA A 13 2.35 1.35 0.12
N LEU A 14 1.73 1.45 -1.08
CA LEU A 14 0.90 2.59 -1.44
C LEU A 14 -0.50 2.63 -0.80
N LYS A 15 -1.26 1.52 -0.89
CA LYS A 15 -2.67 1.49 -0.49
C LYS A 15 -2.87 0.71 0.79
N GLY A 16 -1.78 0.22 1.40
CA GLY A 16 -1.79 -0.23 2.78
C GLY A 16 -1.10 0.83 3.60
N ALA A 17 0.24 0.77 3.66
CA ALA A 17 1.00 1.59 4.58
C ALA A 17 0.90 3.11 4.39
N ALA A 18 1.11 3.63 3.17
CA ALA A 18 1.18 5.06 2.96
C ALA A 18 -0.12 5.82 3.17
N LYS A 19 -1.25 5.36 2.56
CA LYS A 19 -2.53 6.02 2.73
C LYS A 19 -3.08 5.90 4.15
N GLU A 20 -2.96 4.73 4.79
CA GLU A 20 -3.50 4.54 6.13
C GLU A 20 -2.67 5.23 7.21
N LEU A 21 -1.31 5.24 7.09
CA LEU A 21 -0.45 6.04 7.96
C LEU A 21 -0.70 7.54 7.83
N ALA A 22 -0.93 8.02 6.59
CA ALA A 22 -1.19 9.42 6.33
C ALA A 22 -2.67 9.76 6.37
N SER A 23 -3.52 8.91 6.98
CA SER A 23 -4.97 9.03 6.89
C SER A 23 -5.55 10.20 7.64
N THR A 24 -4.80 10.80 8.59
CA THR A 24 -5.20 12.01 9.28
C THR A 24 -5.11 13.24 8.39
N TYR A 25 -4.32 13.14 7.30
CA TYR A 25 -3.97 14.28 6.47
C TYR A 25 -4.51 14.10 5.05
N LEU A 26 -4.52 12.85 4.54
CA LEU A 26 -4.96 12.53 3.19
C LEU A 26 -6.31 11.84 3.22
N HIS A 27 -6.92 11.68 4.41
CA HIS A 27 -8.29 11.22 4.62
C HIS A 27 -8.72 9.97 3.88
N GLY A 1 0.87 -16.00 -10.91
CA GLY A 1 0.93 -16.02 -9.46
C GLY A 1 1.87 -14.97 -8.95
N ILE A 2 2.72 -14.45 -9.84
CA ILE A 2 3.77 -13.48 -9.55
C ILE A 2 3.25 -12.18 -8.94
N GLY A 3 2.08 -11.70 -9.41
CA GLY A 3 1.39 -10.52 -8.91
C GLY A 3 1.05 -10.59 -7.44
N GLY A 4 0.83 -11.81 -6.91
CA GLY A 4 0.47 -12.06 -5.51
C GLY A 4 1.63 -11.98 -4.57
N LYS A 5 2.86 -11.72 -5.07
CA LYS A 5 3.97 -11.39 -4.21
C LYS A 5 4.67 -10.11 -4.62
N ILE A 6 4.68 -9.71 -5.91
CA ILE A 6 5.23 -8.39 -6.27
C ILE A 6 4.33 -7.22 -5.87
N LEU A 7 2.99 -7.30 -6.07
CA LEU A 7 2.09 -6.20 -5.75
C LEU A 7 1.85 -6.10 -4.25
N SER A 8 2.09 -7.22 -3.54
CA SER A 8 1.99 -7.37 -2.12
C SER A 8 3.07 -6.62 -1.36
N GLY A 9 4.13 -6.16 -2.04
CA GLY A 9 4.95 -5.05 -1.55
C GLY A 9 4.68 -3.77 -2.29
N LEU A 10 4.66 -3.81 -3.64
CA LEU A 10 4.64 -2.65 -4.53
C LEU A 10 3.39 -1.78 -4.44
N LYS A 11 2.19 -2.35 -4.19
CA LYS A 11 0.99 -1.57 -3.98
C LYS A 11 0.52 -1.60 -2.54
N THR A 12 0.96 -2.58 -1.71
CA THR A 12 0.78 -2.55 -0.26
C THR A 12 1.47 -1.36 0.38
N ALA A 13 2.68 -1.00 -0.10
CA ALA A 13 3.36 0.21 0.35
C ALA A 13 2.53 1.48 0.15
N LEU A 14 1.77 1.57 -0.96
CA LEU A 14 0.85 2.66 -1.19
C LEU A 14 -0.47 2.58 -0.42
N LYS A 15 -1.15 1.41 -0.43
CA LYS A 15 -2.55 1.30 -0.02
C LYS A 15 -2.77 0.39 1.19
N GLY A 16 -1.69 -0.11 1.82
CA GLY A 16 -1.77 -0.70 3.15
C GLY A 16 -0.96 0.09 4.15
N ALA A 17 0.00 0.91 3.65
CA ALA A 17 0.88 1.68 4.48
C ALA A 17 0.70 3.18 4.25
N ALA A 18 1.22 3.74 3.12
CA ALA A 18 1.35 5.19 2.95
C ALA A 18 0.07 6.02 3.02
N LYS A 19 -1.03 5.60 2.35
CA LYS A 19 -2.30 6.32 2.49
C LYS A 19 -2.88 6.24 3.89
N GLU A 20 -2.74 5.08 4.55
CA GLU A 20 -3.21 4.82 5.89
C GLU A 20 -2.42 5.59 6.95
N LEU A 21 -1.09 5.66 6.81
CA LEU A 21 -0.20 6.50 7.60
C LEU A 21 -0.51 7.99 7.46
N ALA A 22 -0.81 8.45 6.24
CA ALA A 22 -1.10 9.84 5.97
C ALA A 22 -2.58 10.17 6.09
N SER A 23 -3.42 9.19 6.51
CA SER A 23 -4.88 9.29 6.49
C SER A 23 -5.42 10.39 7.36
N THR A 24 -4.80 10.61 8.53
CA THR A 24 -5.11 11.69 9.46
C THR A 24 -4.96 13.06 8.85
N TYR A 25 -3.94 13.25 8.00
CA TYR A 25 -3.53 14.57 7.54
C TYR A 25 -4.01 14.88 6.14
N LEU A 26 -4.23 13.86 5.29
CA LEU A 26 -4.65 14.06 3.92
C LEU A 26 -6.09 13.63 3.70
N HIS A 27 -6.71 12.92 4.67
CA HIS A 27 -8.02 12.33 4.46
C HIS A 27 -8.85 12.37 5.71
N GLY A 1 0.46 -16.15 -10.92
CA GLY A 1 0.65 -16.13 -9.49
C GLY A 1 1.70 -15.12 -9.11
N ILE A 2 2.54 -14.75 -10.10
CA ILE A 2 3.71 -13.89 -9.94
C ILE A 2 3.38 -12.52 -9.37
N GLY A 3 2.25 -11.90 -9.78
CA GLY A 3 1.78 -10.63 -9.27
C GLY A 3 1.51 -10.61 -7.79
N GLY A 4 1.12 -11.77 -7.20
CA GLY A 4 0.79 -11.88 -5.79
C GLY A 4 2.00 -11.95 -4.89
N LYS A 5 3.21 -12.00 -5.46
CA LYS A 5 4.44 -11.91 -4.71
C LYS A 5 5.27 -10.71 -5.11
N ILE A 6 4.69 -9.73 -5.85
CA ILE A 6 5.32 -8.42 -6.05
C ILE A 6 4.36 -7.26 -5.72
N LEU A 7 3.07 -7.33 -6.11
CA LEU A 7 2.09 -6.27 -5.86
C LEU A 7 1.79 -6.12 -4.38
N SER A 8 1.83 -7.26 -3.67
CA SER A 8 1.68 -7.42 -2.23
C SER A 8 2.74 -6.73 -1.39
N GLY A 9 3.85 -6.26 -2.02
CA GLY A 9 4.71 -5.23 -1.43
C GLY A 9 4.51 -3.90 -2.11
N LEU A 10 4.57 -3.87 -3.46
CA LEU A 10 4.62 -2.68 -4.28
C LEU A 10 3.41 -1.75 -4.19
N LYS A 11 2.18 -2.29 -4.09
CA LYS A 11 0.99 -1.47 -3.92
C LYS A 11 0.44 -1.54 -2.50
N THR A 12 0.87 -2.54 -1.69
CA THR A 12 0.63 -2.56 -0.25
C THR A 12 1.34 -1.41 0.44
N ALA A 13 2.57 -1.07 0.02
CA ALA A 13 3.28 0.09 0.52
C ALA A 13 2.50 1.40 0.34
N LEU A 14 1.85 1.58 -0.83
CA LEU A 14 0.97 2.71 -1.06
C LEU A 14 -0.38 2.66 -0.32
N LYS A 15 -1.11 1.53 -0.42
CA LYS A 15 -2.53 1.49 -0.05
C LYS A 15 -2.81 0.68 1.21
N GLY A 16 -1.80 0.04 1.81
CA GLY A 16 -1.94 -0.62 3.11
C GLY A 16 -1.10 0.05 4.16
N ALA A 17 -0.08 0.82 3.75
CA ALA A 17 0.78 1.57 4.65
C ALA A 17 0.62 3.07 4.44
N ALA A 18 1.19 3.64 3.36
CA ALA A 18 1.38 5.07 3.20
C ALA A 18 0.13 5.94 3.26
N LYS A 19 -0.96 5.56 2.56
CA LYS A 19 -2.21 6.31 2.68
C LYS A 19 -2.80 6.29 4.08
N GLU A 20 -2.80 5.13 4.76
CA GLU A 20 -3.35 5.00 6.09
C GLU A 20 -2.50 5.69 7.16
N LEU A 21 -1.16 5.65 7.00
CA LEU A 21 -0.21 6.40 7.79
C LEU A 21 -0.40 7.91 7.66
N ALA A 22 -0.67 8.39 6.43
CA ALA A 22 -0.89 9.80 6.16
C ALA A 22 -2.36 10.19 6.23
N SER A 23 -3.23 9.33 6.79
CA SER A 23 -4.69 9.47 6.73
C SER A 23 -5.22 10.73 7.40
N THR A 24 -4.54 11.21 8.45
CA THR A 24 -4.85 12.48 9.13
C THR A 24 -4.80 13.67 8.21
N TYR A 25 -3.82 13.69 7.28
CA TYR A 25 -3.56 14.86 6.45
C TYR A 25 -4.05 14.70 5.03
N LEU A 26 -4.23 13.45 4.56
CA LEU A 26 -4.64 13.16 3.19
C LEU A 26 -6.05 12.56 3.15
N HIS A 27 -6.76 12.55 4.29
CA HIS A 27 -8.12 12.03 4.34
C HIS A 27 -8.81 12.51 5.59
N GLY A 1 1.33 -16.01 -11.09
CA GLY A 1 1.39 -16.04 -9.65
C GLY A 1 2.25 -14.92 -9.14
N ILE A 2 3.10 -14.36 -10.01
CA ILE A 2 4.10 -13.35 -9.70
C ILE A 2 3.50 -12.07 -9.12
N GLY A 3 2.31 -11.65 -9.61
CA GLY A 3 1.57 -10.50 -9.10
C GLY A 3 1.24 -10.58 -7.63
N GLY A 4 1.05 -11.82 -7.11
CA GLY A 4 0.73 -12.09 -5.72
C GLY A 4 1.90 -12.02 -4.78
N LYS A 5 3.12 -11.78 -5.31
CA LYS A 5 4.27 -11.51 -4.47
C LYS A 5 4.95 -10.20 -4.79
N ILE A 6 4.78 -9.62 -6.01
CA ILE A 6 5.29 -8.27 -6.29
C ILE A 6 4.32 -7.17 -5.86
N LEU A 7 3.00 -7.29 -6.13
CA LEU A 7 2.04 -6.24 -5.79
C LEU A 7 1.73 -6.20 -4.31
N SER A 8 1.96 -7.35 -3.65
CA SER A 8 1.82 -7.56 -2.22
C SER A 8 2.87 -6.84 -1.41
N GLY A 9 3.94 -6.32 -2.06
CA GLY A 9 4.76 -5.26 -1.47
C GLY A 9 4.46 -3.92 -2.10
N LEU A 10 4.42 -3.85 -3.45
CA LEU A 10 4.35 -2.60 -4.20
C LEU A 10 3.08 -1.78 -4.01
N LYS A 11 1.90 -2.42 -3.97
CA LYS A 11 0.65 -1.69 -3.77
C LYS A 11 0.18 -1.78 -2.34
N THR A 12 0.68 -2.74 -1.55
CA THR A 12 0.54 -2.78 -0.09
C THR A 12 1.23 -1.60 0.57
N ALA A 13 2.42 -1.20 0.08
CA ALA A 13 3.06 0.02 0.53
C ALA A 13 2.22 1.27 0.26
N LEU A 14 1.66 1.40 -0.96
CA LEU A 14 0.88 2.56 -1.35
C LEU A 14 -0.52 2.66 -0.73
N LYS A 15 -1.33 1.58 -0.79
CA LYS A 15 -2.74 1.63 -0.40
C LYS A 15 -2.99 0.80 0.85
N GLY A 16 -1.94 0.24 1.45
CA GLY A 16 -1.99 -0.27 2.81
C GLY A 16 -1.32 0.72 3.70
N ALA A 17 0.02 0.68 3.76
CA ALA A 17 0.77 1.49 4.70
C ALA A 17 0.68 3.00 4.51
N ALA A 18 0.96 3.53 3.30
CA ALA A 18 1.11 4.97 3.12
C ALA A 18 -0.12 5.81 3.34
N LYS A 19 -1.28 5.45 2.72
CA LYS A 19 -2.51 6.22 2.89
C LYS A 19 -3.07 6.13 4.30
N GLU A 20 -3.02 4.94 4.94
CA GLU A 20 -3.54 4.79 6.29
C GLU A 20 -2.64 5.42 7.35
N LEU A 21 -1.29 5.35 7.20
CA LEU A 21 -0.35 6.08 8.05
C LEU A 21 -0.48 7.59 7.91
N ALA A 22 -0.66 8.10 6.68
CA ALA A 22 -0.78 9.51 6.42
C ALA A 22 -2.23 10.00 6.47
N SER A 23 -3.14 9.21 7.09
CA SER A 23 -4.58 9.43 7.01
C SER A 23 -5.06 10.67 7.75
N THR A 24 -4.23 11.24 8.62
CA THR A 24 -4.45 12.55 9.25
C THR A 24 -4.54 13.67 8.24
N TYR A 25 -3.75 13.61 7.15
CA TYR A 25 -3.62 14.72 6.22
C TYR A 25 -3.97 14.33 4.79
N LEU A 26 -3.80 13.05 4.40
CA LEU A 26 -3.94 12.60 3.02
C LEU A 26 -5.22 11.80 2.82
N HIS A 27 -6.20 11.91 3.74
CA HIS A 27 -7.47 11.21 3.61
C HIS A 27 -8.49 12.01 2.82
N GLY A 1 1.34 -16.01 -11.04
CA GLY A 1 1.31 -16.04 -9.59
C GLY A 1 2.19 -14.98 -9.02
N ILE A 2 3.09 -14.44 -9.86
CA ILE A 2 4.11 -13.46 -9.48
C ILE A 2 3.52 -12.17 -8.91
N GLY A 3 2.37 -11.72 -9.46
CA GLY A 3 1.62 -10.55 -9.00
C GLY A 3 1.20 -10.63 -7.56
N GLY A 4 0.97 -11.86 -7.05
CA GLY A 4 0.52 -12.12 -5.68
C GLY A 4 1.62 -12.01 -4.65
N LYS A 5 2.87 -11.72 -5.07
CA LYS A 5 3.91 -11.37 -4.12
C LYS A 5 4.60 -10.07 -4.49
N ILE A 6 4.70 -9.67 -5.78
CA ILE A 6 5.24 -8.34 -6.11
C ILE A 6 4.28 -7.20 -5.76
N LEU A 7 2.96 -7.31 -6.05
CA LEU A 7 2.02 -6.25 -5.76
C LEU A 7 1.66 -6.19 -4.29
N SER A 8 1.84 -7.32 -3.58
CA SER A 8 1.60 -7.48 -2.17
C SER A 8 2.62 -6.77 -1.31
N GLY A 9 3.78 -6.38 -1.90
CA GLY A 9 4.65 -5.38 -1.30
C GLY A 9 4.46 -4.03 -1.93
N LEU A 10 4.44 -3.94 -3.28
CA LEU A 10 4.43 -2.68 -4.01
C LEU A 10 3.17 -1.83 -3.83
N LYS A 11 1.96 -2.40 -3.93
CA LYS A 11 0.73 -1.65 -3.77
C LYS A 11 0.36 -1.49 -2.30
N THR A 12 0.81 -2.42 -1.46
CA THR A 12 0.72 -2.31 -0.01
C THR A 12 1.52 -1.14 0.52
N ALA A 13 2.77 -0.94 0.05
CA ALA A 13 3.53 0.25 0.34
C ALA A 13 2.93 1.52 -0.27
N LEU A 14 2.53 1.47 -1.56
CA LEU A 14 2.01 2.62 -2.27
C LEU A 14 0.69 3.18 -1.75
N LYS A 15 -0.27 2.33 -1.33
CA LYS A 15 -1.55 2.84 -0.88
C LYS A 15 -2.10 2.17 0.37
N GLY A 16 -1.78 0.90 0.69
CA GLY A 16 -2.02 0.36 2.04
C GLY A 16 -1.44 1.17 3.18
N ALA A 17 -0.10 1.34 3.17
CA ALA A 17 0.66 2.13 4.13
C ALA A 17 0.29 3.60 4.09
N ALA A 18 -0.01 4.12 2.89
CA ALA A 18 -0.41 5.50 2.71
C ALA A 18 -1.92 5.70 2.86
N LYS A 19 -2.65 4.71 3.41
CA LYS A 19 -3.87 4.95 4.15
C LYS A 19 -3.48 5.02 5.61
N GLU A 20 -2.91 3.93 6.14
CA GLU A 20 -2.74 3.70 7.56
C GLU A 20 -1.84 4.72 8.25
N LEU A 21 -0.77 5.19 7.58
CA LEU A 21 0.11 6.21 8.12
C LEU A 21 -0.15 7.60 7.53
N ALA A 22 -1.11 7.75 6.59
CA ALA A 22 -1.27 9.04 5.91
C ALA A 22 -2.72 9.51 5.73
N SER A 23 -3.72 8.84 6.33
CA SER A 23 -5.12 9.27 6.27
C SER A 23 -5.35 10.60 6.92
N THR A 24 -4.64 10.87 8.04
CA THR A 24 -4.66 12.14 8.77
C THR A 24 -4.27 13.33 7.91
N TYR A 25 -3.27 13.15 7.03
CA TYR A 25 -2.65 14.26 6.33
C TYR A 25 -3.16 14.42 4.91
N LEU A 26 -3.88 13.41 4.37
CA LEU A 26 -4.45 13.47 3.04
C LEU A 26 -5.97 13.45 3.10
N HIS A 27 -6.56 13.46 4.31
CA HIS A 27 -8.00 13.44 4.47
C HIS A 27 -8.37 13.94 5.86
N GLY A 1 0.71 -16.50 -9.97
CA GLY A 1 0.82 -16.27 -8.55
C GLY A 1 2.01 -15.40 -8.26
N ILE A 2 3.03 -15.48 -9.12
CA ILE A 2 4.28 -14.76 -9.01
C ILE A 2 4.12 -13.24 -9.02
N GLY A 3 3.17 -12.73 -9.84
CA GLY A 3 2.78 -11.33 -9.86
C GLY A 3 2.11 -10.85 -8.60
N GLY A 4 1.43 -11.75 -7.86
CA GLY A 4 0.63 -11.37 -6.70
C GLY A 4 1.47 -10.92 -5.53
N LYS A 5 2.60 -11.60 -5.26
CA LYS A 5 3.51 -11.18 -4.20
C LYS A 5 4.19 -9.83 -4.46
N ILE A 6 4.66 -9.55 -5.70
CA ILE A 6 5.19 -8.24 -6.05
C ILE A 6 4.14 -7.13 -6.06
N LEU A 7 2.94 -7.38 -6.62
CA LEU A 7 1.84 -6.43 -6.60
C LEU A 7 1.34 -6.13 -5.20
N SER A 8 1.25 -7.15 -4.31
CA SER A 8 0.88 -6.96 -2.91
C SER A 8 1.86 -6.07 -2.17
N GLY A 9 3.18 -6.28 -2.34
CA GLY A 9 4.17 -5.42 -1.68
C GLY A 9 4.20 -4.01 -2.22
N LEU A 10 4.09 -3.85 -3.55
CA LEU A 10 4.01 -2.55 -4.20
C LEU A 10 2.76 -1.77 -3.81
N LYS A 11 1.56 -2.41 -3.84
CA LYS A 11 0.32 -1.80 -3.41
C LYS A 11 0.29 -1.49 -1.92
N THR A 12 0.80 -2.39 -1.06
CA THR A 12 0.90 -2.16 0.38
C THR A 12 1.79 -0.97 0.70
N ALA A 13 2.96 -0.84 0.05
CA ALA A 13 3.79 0.34 0.20
C ALA A 13 3.12 1.62 -0.31
N LEU A 14 2.54 1.58 -1.53
CA LEU A 14 1.91 2.72 -2.17
C LEU A 14 0.64 3.24 -1.50
N LYS A 15 -0.26 2.33 -1.04
CA LYS A 15 -1.59 2.74 -0.62
C LYS A 15 -2.20 1.78 0.38
N GLY A 16 -1.37 1.00 1.10
CA GLY A 16 -1.77 0.28 2.31
C GLY A 16 -1.19 1.00 3.49
N ALA A 17 0.11 0.82 3.73
CA ALA A 17 0.86 1.51 4.77
C ALA A 17 0.86 3.02 4.56
N ALA A 18 1.04 3.48 3.30
CA ALA A 18 0.93 4.88 2.96
C ALA A 18 -0.48 5.29 2.57
N LYS A 19 -1.50 4.49 2.93
CA LYS A 19 -2.83 5.00 3.19
C LYS A 19 -2.95 5.28 4.67
N GLU A 20 -2.76 4.25 5.52
CA GLU A 20 -2.96 4.34 6.97
C GLU A 20 -2.08 5.36 7.67
N LEU A 21 -0.77 5.44 7.34
CA LEU A 21 0.12 6.42 7.93
C LEU A 21 -0.10 7.83 7.40
N ALA A 22 -0.81 7.96 6.26
CA ALA A 22 -1.07 9.24 5.64
C ALA A 22 -2.52 9.68 5.82
N SER A 23 -3.38 8.87 6.47
CA SER A 23 -4.83 9.01 6.44
C SER A 23 -5.33 10.31 7.02
N THR A 24 -4.73 10.76 8.14
CA THR A 24 -4.99 12.05 8.79
C THR A 24 -4.72 13.22 7.88
N TYR A 25 -3.65 13.13 7.07
CA TYR A 25 -3.11 14.25 6.31
C TYR A 25 -3.70 14.31 4.90
N LEU A 26 -4.57 13.35 4.58
CA LEU A 26 -5.40 13.35 3.39
C LEU A 26 -6.86 13.51 3.81
N HIS A 27 -7.09 13.88 5.09
CA HIS A 27 -8.42 14.08 5.62
C HIS A 27 -8.42 15.22 6.62
N GLY A 1 0.95 -15.84 -11.00
CA GLY A 1 0.93 -15.86 -9.55
C GLY A 1 1.86 -14.82 -8.99
N ILE A 2 2.81 -14.36 -9.83
CA ILE A 2 3.87 -13.43 -9.47
C ILE A 2 3.37 -12.10 -8.92
N GLY A 3 2.23 -11.59 -9.44
CA GLY A 3 1.57 -10.38 -8.96
C GLY A 3 1.18 -10.42 -7.50
N GLY A 4 0.83 -11.61 -6.98
CA GLY A 4 0.48 -11.81 -5.57
C GLY A 4 1.68 -11.90 -4.67
N LYS A 5 2.89 -11.88 -5.23
CA LYS A 5 4.11 -11.71 -4.48
C LYS A 5 4.57 -10.28 -4.56
N ILE A 6 4.76 -9.73 -5.79
CA ILE A 6 5.30 -8.39 -5.98
C ILE A 6 4.38 -7.24 -5.57
N LEU A 7 3.07 -7.29 -5.88
CA LEU A 7 2.16 -6.19 -5.57
C LEU A 7 1.78 -6.18 -4.11
N SER A 8 1.92 -7.33 -3.44
CA SER A 8 1.68 -7.51 -2.02
C SER A 8 2.74 -6.85 -1.15
N GLY A 9 3.89 -6.45 -1.74
CA GLY A 9 4.77 -5.48 -1.13
C GLY A 9 4.62 -4.11 -1.76
N LEU A 10 4.64 -4.02 -3.09
CA LEU A 10 4.68 -2.75 -3.81
C LEU A 10 3.44 -1.89 -3.67
N LYS A 11 2.23 -2.45 -3.85
CA LYS A 11 1.00 -1.68 -3.73
C LYS A 11 0.53 -1.59 -2.29
N THR A 12 0.95 -2.55 -1.44
CA THR A 12 0.77 -2.46 0.01
C THR A 12 1.52 -1.28 0.59
N ALA A 13 2.80 -1.07 0.21
CA ALA A 13 3.52 0.13 0.58
C ALA A 13 2.95 1.40 -0.06
N LEU A 14 2.67 1.37 -1.38
CA LEU A 14 2.28 2.54 -2.14
C LEU A 14 0.86 3.03 -1.88
N LYS A 15 -0.04 2.17 -1.35
CA LYS A 15 -1.39 2.63 -1.09
C LYS A 15 -2.04 2.07 0.16
N GLY A 16 -1.61 0.91 0.72
CA GLY A 16 -2.10 0.46 2.02
C GLY A 16 -1.46 1.20 3.17
N ALA A 17 -0.12 1.17 3.27
CA ALA A 17 0.65 1.92 4.25
C ALA A 17 0.46 3.42 4.07
N ALA A 18 0.43 3.87 2.80
CA ALA A 18 0.09 5.22 2.43
C ALA A 18 -1.43 5.44 2.30
N LYS A 19 -2.26 4.62 2.98
CA LYS A 19 -3.57 5.07 3.44
C LYS A 19 -3.44 5.35 4.92
N GLU A 20 -3.10 4.37 5.76
CA GLU A 20 -3.05 4.51 7.22
C GLU A 20 -2.12 5.62 7.72
N LEU A 21 -0.92 5.78 7.13
CA LEU A 21 -0.03 6.87 7.48
C LEU A 21 -0.48 8.23 6.89
N ALA A 22 -1.36 8.20 5.87
CA ALA A 22 -1.78 9.41 5.17
C ALA A 22 -3.15 9.89 5.62
N SER A 23 -4.00 9.03 6.22
CA SER A 23 -5.36 9.35 6.67
C SER A 23 -5.39 10.44 7.72
N THR A 24 -4.37 10.52 8.59
CA THR A 24 -4.18 11.60 9.54
C THR A 24 -4.13 12.98 8.91
N TYR A 25 -3.51 13.09 7.72
CA TYR A 25 -3.25 14.37 7.08
C TYR A 25 -4.14 14.63 5.89
N LEU A 26 -4.65 13.58 5.22
CA LEU A 26 -5.46 13.72 4.01
C LEU A 26 -6.91 13.35 4.26
N HIS A 27 -7.28 12.86 5.47
CA HIS A 27 -8.65 12.53 5.79
C HIS A 27 -9.00 13.07 7.15
N GLY A 1 1.50 -16.06 -11.08
CA GLY A 1 1.45 -16.10 -9.63
C GLY A 1 2.33 -15.02 -9.06
N ILE A 2 3.24 -14.48 -9.89
CA ILE A 2 4.24 -13.48 -9.52
C ILE A 2 3.64 -12.20 -8.96
N GLY A 3 2.49 -11.76 -9.52
CA GLY A 3 1.73 -10.60 -9.07
C GLY A 3 1.28 -10.68 -7.63
N GLY A 4 1.06 -11.91 -7.12
CA GLY A 4 0.60 -12.18 -5.76
C GLY A 4 1.68 -12.06 -4.72
N LYS A 5 2.93 -11.75 -5.13
CA LYS A 5 3.96 -11.37 -4.18
C LYS A 5 4.63 -10.06 -4.53
N ILE A 6 4.75 -9.66 -5.82
CA ILE A 6 5.27 -8.33 -6.15
C ILE A 6 4.29 -7.20 -5.83
N LEU A 7 2.99 -7.34 -6.13
CA LEU A 7 2.01 -6.29 -5.87
C LEU A 7 1.62 -6.25 -4.41
N SER A 8 1.81 -7.38 -3.70
CA SER A 8 1.54 -7.53 -2.28
C SER A 8 2.55 -6.81 -1.42
N GLY A 9 3.70 -6.39 -1.99
CA GLY A 9 4.54 -5.38 -1.37
C GLY A 9 4.32 -4.01 -1.97
N LEU A 10 4.29 -3.90 -3.31
CA LEU A 10 4.23 -2.62 -4.00
C LEU A 10 2.95 -1.82 -3.80
N LYS A 11 1.77 -2.44 -3.96
CA LYS A 11 0.50 -1.77 -3.77
C LYS A 11 0.20 -1.55 -2.30
N THR A 12 0.58 -2.53 -1.45
CA THR A 12 0.47 -2.46 0.00
C THR A 12 1.27 -1.33 0.59
N ALA A 13 2.51 -1.09 0.14
CA ALA A 13 3.25 0.10 0.51
C ALA A 13 2.59 1.40 0.02
N LEU A 14 2.21 1.43 -1.27
CA LEU A 14 1.64 2.59 -1.94
C LEU A 14 0.30 3.09 -1.39
N LYS A 15 -0.62 2.19 -1.02
CA LYS A 15 -1.96 2.61 -0.63
C LYS A 15 -2.59 1.68 0.38
N GLY A 16 -1.76 0.90 1.12
CA GLY A 16 -2.14 0.26 2.36
C GLY A 16 -1.47 1.00 3.49
N ALA A 17 -0.15 0.79 3.64
CA ALA A 17 0.67 1.48 4.62
C ALA A 17 0.68 2.99 4.44
N ALA A 18 0.81 3.47 3.19
CA ALA A 18 0.70 4.89 2.88
C ALA A 18 -0.73 5.29 2.53
N LYS A 19 -1.75 4.50 2.92
CA LYS A 19 -3.07 5.01 3.21
C LYS A 19 -3.16 5.32 4.69
N GLU A 20 -2.91 4.32 5.55
CA GLU A 20 -3.02 4.43 7.00
C GLU A 20 -2.07 5.43 7.64
N LEU A 21 -0.81 5.51 7.20
CA LEU A 21 0.14 6.51 7.69
C LEU A 21 -0.14 7.90 7.11
N ALA A 22 -0.94 7.99 6.04
CA ALA A 22 -1.31 9.24 5.40
C ALA A 22 -2.72 9.67 5.78
N SER A 23 -3.39 8.92 6.67
CA SER A 23 -4.82 9.00 6.93
C SER A 23 -5.32 10.33 7.44
N THR A 24 -4.65 10.89 8.46
CA THR A 24 -4.98 12.23 8.97
C THR A 24 -4.60 13.30 7.96
N TYR A 25 -3.38 13.20 7.40
CA TYR A 25 -2.78 14.20 6.54
C TYR A 25 -3.46 14.42 5.20
N LEU A 26 -3.92 13.33 4.55
CA LEU A 26 -4.53 13.40 3.23
C LEU A 26 -6.03 13.14 3.32
N HIS A 27 -6.58 12.99 4.54
CA HIS A 27 -8.00 12.75 4.71
C HIS A 27 -8.42 13.09 6.12
N GLY A 1 0.79 -16.07 -10.71
CA GLY A 1 0.90 -16.06 -9.27
C GLY A 1 1.85 -14.98 -8.83
N ILE A 2 2.70 -14.51 -9.76
CA ILE A 2 3.77 -13.54 -9.52
C ILE A 2 3.28 -12.21 -8.97
N GLY A 3 2.09 -11.74 -9.42
CA GLY A 3 1.44 -10.53 -8.91
C GLY A 3 1.14 -10.56 -7.44
N GLY A 4 0.85 -11.74 -6.86
CA GLY A 4 0.61 -11.92 -5.44
C GLY A 4 1.87 -11.96 -4.61
N LYS A 5 3.04 -11.95 -5.27
CA LYS A 5 4.30 -11.74 -4.59
C LYS A 5 4.71 -10.28 -4.71
N ILE A 6 4.77 -9.73 -5.94
CA ILE A 6 5.26 -8.37 -6.17
C ILE A 6 4.32 -7.25 -5.71
N LEU A 7 2.99 -7.34 -5.96
CA LEU A 7 2.08 -6.26 -5.62
C LEU A 7 1.79 -6.21 -4.14
N SER A 8 2.04 -7.33 -3.45
CA SER A 8 1.91 -7.49 -2.00
C SER A 8 2.96 -6.72 -1.23
N GLY A 9 4.04 -6.25 -1.90
CA GLY A 9 4.84 -5.15 -1.38
C GLY A 9 4.56 -3.85 -2.10
N LEU A 10 4.57 -3.88 -3.46
CA LEU A 10 4.53 -2.72 -4.32
C LEU A 10 3.26 -1.87 -4.23
N LYS A 11 2.08 -2.48 -4.02
CA LYS A 11 0.85 -1.74 -3.82
C LYS A 11 0.34 -1.83 -2.39
N THR A 12 0.79 -2.80 -1.57
CA THR A 12 0.51 -2.76 -0.14
C THR A 12 1.18 -1.57 0.53
N ALA A 13 2.48 -1.34 0.27
CA ALA A 13 3.14 -0.16 0.80
C ALA A 13 2.66 1.11 0.12
N LEU A 14 2.68 1.14 -1.23
CA LEU A 14 2.33 2.33 -1.98
C LEU A 14 0.89 2.24 -2.48
N LYS A 15 -0.03 2.16 -1.50
CA LYS A 15 -1.46 2.47 -1.59
C LYS A 15 -2.10 2.18 -0.25
N GLY A 16 -1.82 1.01 0.35
CA GLY A 16 -2.37 0.64 1.66
C GLY A 16 -1.74 1.39 2.80
N ALA A 17 -0.45 1.10 3.07
CA ALA A 17 0.33 1.73 4.13
C ALA A 17 0.46 3.23 3.93
N ALA A 18 0.62 3.68 2.67
CA ALA A 18 0.51 5.08 2.29
C ALA A 18 -0.76 5.79 2.76
N LYS A 19 -1.96 5.19 2.59
CA LYS A 19 -3.20 5.75 3.11
C LYS A 19 -3.25 5.69 4.63
N GLU A 20 -2.80 4.59 5.23
CA GLU A 20 -2.75 4.36 6.66
C GLU A 20 -1.86 5.36 7.41
N LEU A 21 -0.62 5.56 6.94
CA LEU A 21 0.33 6.53 7.45
C LEU A 21 -0.13 7.97 7.25
N ALA A 22 -0.69 8.30 6.07
CA ALA A 22 -1.10 9.64 5.74
C ALA A 22 -2.55 9.92 6.13
N SER A 23 -3.19 9.02 6.90
CA SER A 23 -4.61 9.03 7.19
C SER A 23 -5.10 10.29 7.88
N THR A 24 -4.32 10.81 8.84
CA THR A 24 -4.61 12.02 9.59
C THR A 24 -4.60 13.27 8.72
N TYR A 25 -3.84 13.26 7.61
CA TYR A 25 -3.49 14.47 6.88
C TYR A 25 -4.17 14.50 5.52
N LEU A 26 -4.27 13.35 4.84
CA LEU A 26 -4.84 13.22 3.52
C LEU A 26 -6.18 12.50 3.59
N HIS A 27 -6.72 12.28 4.81
CA HIS A 27 -8.05 11.71 4.96
C HIS A 27 -8.64 12.12 6.29
N GLY A 1 1.19 -15.40 -11.64
CA GLY A 1 1.06 -15.70 -10.22
C GLY A 1 1.98 -14.83 -9.42
N ILE A 2 3.07 -14.37 -10.05
CA ILE A 2 4.14 -13.60 -9.42
C ILE A 2 3.70 -12.23 -8.93
N GLY A 3 2.58 -11.72 -9.47
CA GLY A 3 1.90 -10.51 -9.00
C GLY A 3 1.48 -10.57 -7.55
N GLY A 4 1.14 -11.76 -7.04
CA GLY A 4 0.77 -11.97 -5.64
C GLY A 4 1.96 -12.02 -4.71
N LYS A 5 3.18 -11.96 -5.26
CA LYS A 5 4.39 -11.74 -4.49
C LYS A 5 4.79 -10.28 -4.56
N ILE A 6 5.00 -9.74 -5.79
CA ILE A 6 5.51 -8.39 -5.98
C ILE A 6 4.53 -7.27 -5.61
N LEU A 7 3.23 -7.37 -5.96
CA LEU A 7 2.27 -6.30 -5.70
C LEU A 7 1.85 -6.29 -4.24
N SER A 8 2.03 -7.42 -3.55
CA SER A 8 1.76 -7.60 -2.13
C SER A 8 2.75 -6.88 -1.24
N GLY A 9 3.90 -6.44 -1.81
CA GLY A 9 4.71 -5.41 -1.17
C GLY A 9 4.53 -4.07 -1.82
N LEU A 10 4.59 -3.99 -3.16
CA LEU A 10 4.60 -2.73 -3.89
C LEU A 10 3.31 -1.92 -3.81
N LYS A 11 2.13 -2.54 -4.01
CA LYS A 11 0.87 -1.83 -3.95
C LYS A 11 0.36 -1.73 -2.53
N THR A 12 0.77 -2.66 -1.64
CA THR A 12 0.54 -2.56 -0.21
C THR A 12 1.23 -1.36 0.41
N ALA A 13 2.51 -1.10 0.05
CA ALA A 13 3.19 0.11 0.44
C ALA A 13 2.61 1.37 -0.21
N LEU A 14 2.40 1.36 -1.54
CA LEU A 14 1.93 2.50 -2.31
C LEU A 14 0.50 2.94 -2.00
N LYS A 15 -0.39 1.99 -1.65
CA LYS A 15 -1.74 2.32 -1.26
C LYS A 15 -2.08 2.05 0.18
N GLY A 16 -2.08 0.79 0.65
CA GLY A 16 -2.46 0.46 2.03
C GLY A 16 -1.70 1.18 3.12
N ALA A 17 -0.37 1.00 3.22
CA ALA A 17 0.43 1.65 4.25
C ALA A 17 0.43 3.17 4.13
N ALA A 18 0.58 3.65 2.89
CA ALA A 18 0.40 5.02 2.47
C ALA A 18 -0.89 5.77 2.80
N LYS A 19 -2.09 5.18 2.61
CA LYS A 19 -3.26 5.53 3.42
C LYS A 19 -3.29 5.30 4.92
N GLU A 20 -2.81 4.18 5.49
CA GLU A 20 -2.83 3.98 6.94
C GLU A 20 -2.00 5.01 7.71
N LEU A 21 -0.83 5.38 7.18
CA LEU A 21 -0.07 6.52 7.65
C LEU A 21 -0.76 7.85 7.41
N ALA A 22 -1.33 8.09 6.20
CA ALA A 22 -1.79 9.41 5.82
C ALA A 22 -3.26 9.67 6.09
N SER A 23 -4.02 8.77 6.73
CA SER A 23 -5.43 9.02 7.06
C SER A 23 -5.63 10.06 8.14
N THR A 24 -4.57 10.45 8.87
CA THR A 24 -4.62 11.64 9.72
C THR A 24 -4.51 12.94 8.93
N TYR A 25 -3.95 12.92 7.70
CA TYR A 25 -3.66 14.14 6.94
C TYR A 25 -4.49 14.28 5.67
N LEU A 26 -4.76 13.16 4.98
CA LEU A 26 -5.51 13.10 3.73
C LEU A 26 -6.76 12.26 3.91
N HIS A 27 -7.11 11.97 5.18
CA HIS A 27 -8.38 11.39 5.61
C HIS A 27 -8.89 10.20 4.85
N GLY A 1 1.08 -16.10 -10.85
CA GLY A 1 1.07 -16.12 -9.40
C GLY A 1 1.99 -15.08 -8.85
N ILE A 2 2.92 -14.59 -9.71
CA ILE A 2 3.96 -13.63 -9.36
C ILE A 2 3.42 -12.31 -8.82
N GLY A 3 2.27 -11.85 -9.37
CA GLY A 3 1.54 -10.66 -8.92
C GLY A 3 1.15 -10.70 -7.47
N GLY A 4 0.91 -11.90 -6.93
CA GLY A 4 0.49 -12.12 -5.55
C GLY A 4 1.60 -12.00 -4.54
N LYS A 5 2.84 -11.74 -4.99
CA LYS A 5 3.90 -11.36 -4.07
C LYS A 5 4.58 -10.06 -4.47
N ILE A 6 4.68 -9.70 -5.78
CA ILE A 6 5.21 -8.38 -6.15
C ILE A 6 4.28 -7.21 -5.83
N LEU A 7 2.96 -7.34 -6.09
CA LEU A 7 2.00 -6.30 -5.75
C LEU A 7 1.76 -6.21 -4.26
N SER A 8 1.79 -7.37 -3.57
CA SER A 8 1.61 -7.51 -2.13
C SER A 8 2.74 -6.92 -1.31
N GLY A 9 3.87 -6.61 -1.97
CA GLY A 9 4.88 -5.69 -1.46
C GLY A 9 4.62 -4.29 -1.94
N LEU A 10 4.84 -4.04 -3.25
CA LEU A 10 4.88 -2.70 -3.83
C LEU A 10 3.60 -1.89 -3.70
N LYS A 11 2.41 -2.46 -3.99
CA LYS A 11 1.17 -1.71 -3.90
C LYS A 11 0.63 -1.68 -2.48
N THR A 12 1.00 -2.67 -1.63
CA THR A 12 0.75 -2.61 -0.19
C THR A 12 1.47 -1.46 0.44
N ALA A 13 2.76 -1.24 0.11
CA ALA A 13 3.46 -0.04 0.53
C ALA A 13 2.90 1.25 -0.07
N LEU A 14 2.69 1.28 -1.40
CA LEU A 14 2.33 2.48 -2.14
C LEU A 14 0.90 2.94 -1.97
N LYS A 15 -0.04 2.06 -1.56
CA LYS A 15 -1.40 2.49 -1.33
C LYS A 15 -2.00 2.01 -0.02
N GLY A 16 -1.56 0.87 0.54
CA GLY A 16 -2.05 0.39 1.83
C GLY A 16 -1.43 1.13 2.98
N ALA A 17 -0.12 0.93 3.22
CA ALA A 17 0.65 1.58 4.27
C ALA A 17 0.65 3.10 4.12
N ALA A 18 0.71 3.57 2.86
CA ALA A 18 0.42 4.94 2.47
C ALA A 18 -0.91 5.48 2.97
N LYS A 19 -2.05 4.74 2.85
CA LYS A 19 -3.32 5.18 3.44
C LYS A 19 -3.23 5.28 4.95
N GLU A 20 -2.65 4.27 5.63
CA GLU A 20 -2.56 4.26 7.08
C GLU A 20 -1.72 5.40 7.64
N LEU A 21 -0.55 5.66 7.03
CA LEU A 21 0.30 6.81 7.33
C LEU A 21 -0.38 8.15 7.05
N ALA A 22 -1.09 8.27 5.91
CA ALA A 22 -1.65 9.55 5.49
C ALA A 22 -3.09 9.76 5.96
N SER A 23 -3.62 8.89 6.85
CA SER A 23 -5.03 8.91 7.26
C SER A 23 -5.45 10.19 7.92
N THR A 24 -4.62 10.75 8.80
CA THR A 24 -4.93 11.97 9.55
C THR A 24 -4.35 13.20 8.88
N TYR A 25 -3.73 13.03 7.69
CA TYR A 25 -3.10 14.12 6.96
C TYR A 25 -3.85 14.44 5.68
N LEU A 26 -4.36 13.40 4.98
CA LEU A 26 -5.09 13.56 3.74
C LEU A 26 -6.58 13.24 3.97
N HIS A 27 -6.98 13.05 5.24
CA HIS A 27 -8.37 12.87 5.61
C HIS A 27 -8.49 13.09 7.10
N GLY A 1 1.22 -16.28 -11.09
CA GLY A 1 1.47 -16.28 -9.66
C GLY A 1 2.43 -15.19 -9.29
N ILE A 2 3.22 -14.72 -10.29
CA ILE A 2 4.32 -13.78 -10.13
C ILE A 2 3.90 -12.46 -9.52
N GLY A 3 2.70 -11.93 -9.88
CA GLY A 3 2.14 -10.71 -9.31
C GLY A 3 1.91 -10.78 -7.83
N GLY A 4 1.63 -11.99 -7.28
CA GLY A 4 1.36 -12.20 -5.87
C GLY A 4 2.58 -12.20 -5.00
N LYS A 5 3.78 -12.10 -5.61
CA LYS A 5 5.01 -11.93 -4.86
C LYS A 5 5.73 -10.64 -5.22
N ILE A 6 5.05 -9.69 -5.91
CA ILE A 6 5.55 -8.32 -6.04
C ILE A 6 4.49 -7.27 -5.69
N LEU A 7 3.20 -7.47 -6.03
CA LEU A 7 2.16 -6.49 -5.76
C LEU A 7 1.76 -6.52 -4.30
N SER A 8 2.02 -7.65 -3.63
CA SER A 8 1.82 -7.88 -2.21
C SER A 8 2.80 -7.11 -1.34
N GLY A 9 3.85 -6.53 -1.94
CA GLY A 9 4.62 -5.47 -1.30
C GLY A 9 4.29 -4.12 -1.88
N LEU A 10 4.29 -3.99 -3.22
CA LEU A 10 4.14 -2.71 -3.91
C LEU A 10 2.79 -2.02 -3.72
N LYS A 11 1.67 -2.75 -3.87
CA LYS A 11 0.35 -2.16 -3.72
C LYS A 11 -0.10 -2.19 -2.28
N THR A 12 0.46 -3.09 -1.45
CA THR A 12 0.31 -3.09 -0.01
C THR A 12 0.92 -1.85 0.62
N ALA A 13 2.12 -1.44 0.18
CA ALA A 13 2.68 -0.16 0.56
C ALA A 13 1.88 1.04 0.05
N LEU A 14 1.49 1.03 -1.24
CA LEU A 14 0.77 2.12 -1.88
C LEU A 14 -0.66 2.35 -1.36
N LYS A 15 -1.48 1.30 -1.18
CA LYS A 15 -2.78 1.47 -0.55
C LYS A 15 -2.66 1.47 0.96
N GLY A 16 -1.99 0.47 1.54
CA GLY A 16 -2.07 0.19 2.97
C GLY A 16 -1.24 1.14 3.76
N ALA A 17 0.09 0.96 3.71
CA ALA A 17 1.00 1.73 4.53
C ALA A 17 0.91 3.24 4.31
N ALA A 18 0.83 3.69 3.04
CA ALA A 18 0.69 5.09 2.73
C ALA A 18 -0.62 5.74 3.19
N LYS A 19 -1.80 5.15 2.91
CA LYS A 19 -3.06 5.75 3.34
C LYS A 19 -3.33 5.60 4.82
N GLU A 20 -3.03 4.43 5.43
CA GLU A 20 -3.25 4.23 6.86
C GLU A 20 -2.33 5.12 7.71
N LEU A 21 -1.06 5.34 7.30
CA LEU A 21 -0.23 6.38 7.90
C LEU A 21 -0.78 7.78 7.66
N ALA A 22 -1.23 8.09 6.43
CA ALA A 22 -1.86 9.35 6.09
C ALA A 22 -3.36 9.38 6.38
N SER A 23 -3.81 8.73 7.48
CA SER A 23 -5.23 8.60 7.81
C SER A 23 -5.92 9.92 7.98
N THR A 24 -5.36 10.80 8.84
CA THR A 24 -5.83 12.17 9.01
C THR A 24 -5.40 13.08 7.88
N TYR A 25 -4.12 12.99 7.49
CA TYR A 25 -3.43 13.97 6.67
C TYR A 25 -3.90 14.09 5.24
N LEU A 26 -4.16 12.96 4.56
CA LEU A 26 -4.75 12.94 3.23
C LEU A 26 -6.15 12.39 3.39
N HIS A 27 -7.03 13.20 4.02
CA HIS A 27 -8.30 12.89 4.64
C HIS A 27 -9.17 11.83 3.99
#